data_7EBJ
#
_entry.id   7EBJ
#
_cell.length_a   80.073
_cell.length_b   80.073
_cell.length_c   80.046
_cell.angle_alpha   90.000
_cell.angle_beta   90.000
_cell.angle_gamma   90.000
#
_symmetry.space_group_name_H-M   'P 41 21 2'
#
loop_
_entity.id
_entity.type
_entity.pdbx_description
1 polymer 'Tripartite motif-containing protein 66'
2 non-polymer 'ZINC ION'
3 water water
#
_entity_poly.entity_id   1
_entity_poly.type   'polypeptide(L)'
_entity_poly.pdbx_seq_one_letter_code
;SPIENEDFCAVCINGGELLCCDRCPKVYHLSCHVPALLSFPGGEWVCTLCRSLTQPEMEYDCENARYGHPGVRVLPGLSM
YDQKKCEKLVLSLCCNSLSLPFHEPVSPLARHYYQIIKRPMDLSIIRRKLQKKDPAHYTTPEEVVSDVRLMFWNCAKFNY
PDSEVAEAGRCLEVFFEGWLKEIYP
;
_entity_poly.pdbx_strand_id   A
#
loop_
_chem_comp.id
_chem_comp.type
_chem_comp.name
_chem_comp.formula
ZN non-polymer 'ZINC ION' 'Zn 2'
#
# COMPACT_ATOMS: atom_id res chain seq x y z
N GLU A 6 -11.64 -15.86 3.54
CA GLU A 6 -10.88 -15.67 4.77
C GLU A 6 -11.74 -15.00 5.85
N ASP A 7 -11.36 -15.23 7.11
CA ASP A 7 -12.01 -14.59 8.25
C ASP A 7 -11.14 -13.49 8.85
N PHE A 8 -10.01 -13.17 8.21
CA PHE A 8 -9.09 -12.17 8.71
C PHE A 8 -8.77 -11.17 7.59
N CYS A 9 -8.57 -9.92 7.99
CA CYS A 9 -8.23 -8.86 7.04
C CYS A 9 -7.08 -9.25 6.14
N ALA A 10 -7.22 -8.98 4.83
CA ALA A 10 -6.17 -9.27 3.86
C ALA A 10 -4.89 -8.49 4.15
N VAL A 11 -4.97 -7.39 4.89
CA VAL A 11 -3.81 -6.55 5.12
C VAL A 11 -3.19 -6.84 6.47
N CYS A 12 -3.95 -6.66 7.56
CA CYS A 12 -3.40 -6.78 8.90
C CYS A 12 -3.57 -8.16 9.51
N ILE A 13 -4.29 -9.07 8.85
CA ILE A 13 -4.51 -10.45 9.30
C ILE A 13 -5.19 -10.49 10.66
N ASN A 14 -6.01 -9.49 10.97
CA ASN A 14 -6.82 -9.54 12.18
C ASN A 14 -8.31 -9.60 11.81
N GLY A 15 -9.12 -10.03 12.78
CA GLY A 15 -10.56 -10.11 12.60
C GLY A 15 -11.26 -8.82 12.93
N GLY A 16 -12.58 -8.91 13.11
CA GLY A 16 -13.39 -7.78 13.47
C GLY A 16 -14.46 -7.50 12.42
N GLU A 17 -14.74 -6.21 12.23
CA GLU A 17 -15.70 -5.78 11.20
C GLU A 17 -15.00 -5.75 9.85
N LEU A 18 -15.37 -6.68 8.96
CA LEU A 18 -14.68 -6.89 7.70
C LEU A 18 -15.61 -6.71 6.52
N LEU A 19 -15.09 -6.06 5.48
CA LEU A 19 -15.81 -5.85 4.23
C LEU A 19 -15.29 -6.83 3.18
N CYS A 20 -16.21 -7.59 2.59
CA CYS A 20 -15.87 -8.55 1.55
C CYS A 20 -15.91 -7.91 0.17
N CYS A 21 -14.89 -8.22 -0.63
CA CYS A 21 -14.96 -7.88 -2.04
C CYS A 21 -15.97 -8.77 -2.75
N ASP A 22 -16.70 -8.19 -3.70
CA ASP A 22 -17.66 -8.96 -4.51
C ASP A 22 -16.99 -9.90 -5.50
N ARG A 23 -15.71 -9.68 -5.84
CA ARG A 23 -15.09 -10.39 -6.96
C ARG A 23 -13.91 -11.28 -6.58
N CYS A 24 -13.39 -11.18 -5.37
CA CYS A 24 -12.23 -11.99 -4.98
C CYS A 24 -12.41 -12.36 -3.51
N PRO A 25 -11.59 -13.28 -2.96
CA PRO A 25 -11.83 -13.75 -1.59
C PRO A 25 -11.36 -12.79 -0.50
N LYS A 26 -10.69 -11.70 -0.86
CA LYS A 26 -10.10 -10.83 0.16
C LYS A 26 -11.17 -10.07 0.93
N VAL A 27 -10.97 -9.94 2.24
CA VAL A 27 -11.80 -9.10 3.08
C VAL A 27 -10.91 -8.07 3.76
N TYR A 28 -11.50 -6.95 4.16
CA TYR A 28 -10.72 -5.80 4.60
C TYR A 28 -11.40 -5.08 5.76
N HIS A 29 -10.61 -4.62 6.72
CA HIS A 29 -11.08 -3.52 7.56
C HIS A 29 -11.24 -2.29 6.68
N LEU A 30 -12.23 -1.45 7.03
CA LEU A 30 -12.45 -0.24 6.24
C LEU A 30 -11.19 0.60 6.16
N SER A 31 -10.44 0.69 7.24
CA SER A 31 -9.23 1.51 7.25
C SER A 31 -8.03 0.78 6.65
N CYS A 32 -8.12 -0.52 6.42
CA CYS A 32 -7.00 -1.26 5.84
C CYS A 32 -7.04 -1.30 4.33
N HIS A 33 -8.23 -1.28 3.73
CA HIS A 33 -8.32 -1.13 2.28
C HIS A 33 -7.54 0.12 1.84
N VAL A 34 -7.04 0.07 0.62
CA VAL A 34 -6.40 1.23 -0.02
C VAL A 34 -7.24 1.63 -1.23
N PRO A 35 -7.91 2.79 -1.22
CA PRO A 35 -7.89 3.77 -0.12
C PRO A 35 -8.80 3.39 1.04
N ALA A 36 -8.50 3.95 2.22
CA ALA A 36 -9.34 3.72 3.37
C ALA A 36 -10.77 4.21 3.08
N LEU A 37 -11.75 3.46 3.58
CA LEU A 37 -13.16 3.76 3.35
C LEU A 37 -13.78 4.40 4.59
N LEU A 38 -14.62 5.39 4.37
CA LEU A 38 -15.21 6.13 5.48
C LEU A 38 -16.60 5.65 5.86
N SER A 39 -17.13 4.64 5.17
CA SER A 39 -18.37 3.99 5.57
C SER A 39 -18.40 2.59 4.99
N PHE A 40 -19.29 1.77 5.54
CA PHE A 40 -19.54 0.44 4.99
C PHE A 40 -20.46 0.55 3.79
N PRO A 41 -20.09 0.02 2.61
CA PRO A 41 -20.94 0.16 1.43
C PRO A 41 -22.28 -0.53 1.61
N GLY A 42 -23.31 0.04 0.99
CA GLY A 42 -24.66 -0.48 1.12
C GLY A 42 -25.06 -1.49 0.07
N GLY A 43 -24.39 -1.48 -1.08
CA GLY A 43 -24.68 -2.41 -2.15
C GLY A 43 -23.43 -3.07 -2.70
N GLU A 44 -23.27 -3.07 -4.03
CA GLU A 44 -22.10 -3.68 -4.65
C GLU A 44 -20.83 -2.98 -4.17
N TRP A 45 -19.76 -3.75 -4.07
CA TRP A 45 -18.46 -3.19 -3.71
C TRP A 45 -17.37 -4.13 -4.20
N VAL A 46 -16.40 -3.58 -4.92
CA VAL A 46 -15.27 -4.30 -5.47
C VAL A 46 -14.00 -3.63 -4.98
N CYS A 47 -13.02 -4.44 -4.53
CA CYS A 47 -11.82 -3.88 -3.93
C CYS A 47 -10.89 -3.30 -4.99
N THR A 48 -9.87 -2.57 -4.52
CA THR A 48 -8.98 -1.87 -5.43
C THR A 48 -8.24 -2.82 -6.37
N LEU A 49 -7.97 -4.05 -5.93
CA LEU A 49 -7.26 -5.00 -6.78
C LEU A 49 -8.14 -5.49 -7.92
N CYS A 50 -9.46 -5.56 -7.70
CA CYS A 50 -10.38 -6.08 -8.71
C CYS A 50 -11.01 -5.00 -9.58
N ARG A 51 -11.01 -3.76 -9.11
CA ARG A 51 -11.70 -2.69 -9.82
C ARG A 51 -11.05 -2.42 -11.17
N SER A 52 -11.89 -2.15 -12.17
CA SER A 52 -11.38 -1.89 -13.50
C SER A 52 -10.78 -0.49 -13.59
N LEU A 53 -9.66 -0.39 -14.32
CA LEU A 53 -9.07 0.93 -14.59
C LEU A 53 -9.92 1.71 -15.60
N THR A 54 -10.41 1.01 -16.63
CA THR A 54 -11.13 1.67 -17.71
C THR A 54 -12.55 2.06 -17.29
N GLN A 55 -13.30 1.12 -16.68
CA GLN A 55 -14.70 1.30 -16.33
C GLN A 55 -14.87 1.19 -14.82
N PRO A 56 -14.56 2.24 -14.06
CA PRO A 56 -14.70 2.17 -12.60
C PRO A 56 -16.13 1.85 -12.19
N GLU A 57 -16.31 0.62 -11.66
CA GLU A 57 -17.63 0.11 -11.29
C GLU A 57 -18.38 1.04 -10.34
N MET A 58 -17.64 1.87 -9.61
CA MET A 58 -18.14 2.53 -8.42
C MET A 58 -17.02 3.44 -7.93
N GLU A 59 -17.35 4.61 -7.39
CA GLU A 59 -16.35 5.38 -6.69
C GLU A 59 -16.38 5.00 -5.22
N TYR A 60 -15.24 5.17 -4.56
CA TYR A 60 -15.15 4.83 -3.15
C TYR A 60 -15.51 6.02 -2.28
N ASP A 61 -16.12 5.72 -1.14
CA ASP A 61 -16.33 6.70 -0.08
C ASP A 61 -15.01 6.81 0.69
N CYS A 62 -14.10 7.61 0.13
CA CYS A 62 -12.76 7.78 0.66
C CYS A 62 -12.44 9.26 0.76
N GLU A 63 -11.29 9.57 1.38
CA GLU A 63 -10.95 10.96 1.64
C GLU A 63 -10.73 11.75 0.35
N ASN A 64 -10.14 11.11 -0.68
CA ASN A 64 -9.91 11.86 -1.93
C ASN A 64 -11.22 12.21 -2.62
N ALA A 65 -12.29 11.44 -2.38
CA ALA A 65 -13.58 11.74 -2.98
C ALA A 65 -14.25 12.95 -2.32
N ARG A 66 -13.91 13.24 -1.06
CA ARG A 66 -14.45 14.39 -0.36
C ARG A 66 -13.57 15.63 -0.47
N TYR A 67 -12.30 15.46 -0.85
CA TYR A 67 -11.41 16.61 -0.96
C TYR A 67 -11.71 17.42 -2.22
N GLY A 68 -12.02 16.74 -3.32
CA GLY A 68 -12.36 17.41 -4.57
C GLY A 68 -13.85 17.36 -4.87
N PRO A 76 -1.87 19.69 -9.64
CA PRO A 76 -0.69 19.01 -9.10
C PRO A 76 -1.05 17.81 -8.22
N GLY A 77 -1.50 16.75 -8.86
CA GLY A 77 -1.82 15.52 -8.15
C GLY A 77 -1.92 14.39 -9.15
N LEU A 78 -2.06 13.18 -8.62
CA LEU A 78 -2.21 12.03 -9.49
C LEU A 78 -3.51 12.16 -10.29
N SER A 79 -3.43 11.89 -11.59
CA SER A 79 -4.63 11.72 -12.39
C SER A 79 -5.48 10.60 -11.80
N MET A 80 -6.77 10.58 -12.17
CA MET A 80 -7.64 9.52 -11.70
C MET A 80 -7.12 8.15 -12.14
N TYR A 81 -6.57 8.08 -13.34
CA TYR A 81 -5.97 6.85 -13.85
C TYR A 81 -4.76 6.43 -13.03
N ASP A 82 -3.79 7.34 -12.87
CA ASP A 82 -2.59 7.00 -12.10
C ASP A 82 -2.91 6.73 -10.64
N GLN A 83 -3.91 7.42 -10.09
CA GLN A 83 -4.33 7.15 -8.71
C GLN A 83 -4.74 5.70 -8.54
N LYS A 84 -5.55 5.18 -9.46
CA LYS A 84 -6.00 3.79 -9.37
C LYS A 84 -4.84 2.81 -9.53
N LYS A 85 -3.94 3.09 -10.47
CA LYS A 85 -2.81 2.20 -10.71
C LYS A 85 -1.89 2.16 -9.49
N CYS A 86 -1.65 3.32 -8.86
CA CYS A 86 -0.76 3.37 -7.71
C CYS A 86 -1.42 2.77 -6.47
N GLU A 87 -2.73 2.98 -6.31
CA GLU A 87 -3.44 2.30 -5.24
C GLU A 87 -3.38 0.77 -5.43
N LYS A 88 -3.46 0.29 -6.67
CA LYS A 88 -3.33 -1.15 -6.91
C LYS A 88 -1.94 -1.65 -6.51
N LEU A 89 -0.90 -0.92 -6.88
CA LEU A 89 0.46 -1.34 -6.53
C LEU A 89 0.65 -1.36 -5.02
N VAL A 90 0.16 -0.32 -4.34
CA VAL A 90 0.37 -0.22 -2.91
C VAL A 90 -0.47 -1.26 -2.16
N LEU A 91 -1.72 -1.47 -2.58
CA LEU A 91 -2.53 -2.50 -1.93
C LEU A 91 -1.94 -3.89 -2.18
N SER A 92 -1.39 -4.12 -3.37
CA SER A 92 -0.73 -5.40 -3.65
C SER A 92 0.41 -5.64 -2.65
N LEU A 93 1.21 -4.61 -2.38
CA LEU A 93 2.25 -4.71 -1.36
C LEU A 93 1.66 -5.01 0.00
N CYS A 94 0.64 -4.25 0.41
CA CYS A 94 0.09 -4.40 1.76
C CYS A 94 -0.55 -5.76 1.98
N CYS A 95 -1.08 -6.40 0.93
CA CYS A 95 -1.75 -7.69 1.09
C CYS A 95 -0.77 -8.86 1.03
N ASN A 96 0.47 -8.62 0.65
CA ASN A 96 1.41 -9.72 0.50
C ASN A 96 1.85 -10.23 1.86
N SER A 97 1.94 -11.56 1.98
CA SER A 97 2.26 -12.21 3.26
C SER A 97 3.65 -11.83 3.76
N LEU A 98 4.52 -11.31 2.90
CA LEU A 98 5.86 -10.90 3.31
C LEU A 98 5.92 -9.46 3.81
N SER A 99 4.84 -8.69 3.70
CA SER A 99 4.94 -7.25 3.86
C SER A 99 4.79 -6.76 5.30
N LEU A 100 4.38 -7.62 6.23
CA LEU A 100 3.99 -7.13 7.55
C LEU A 100 5.05 -6.28 8.23
N PRO A 101 6.35 -6.62 8.21
CA PRO A 101 7.34 -5.73 8.85
C PRO A 101 7.37 -4.33 8.27
N PHE A 102 6.92 -4.15 7.03
CA PHE A 102 6.97 -2.87 6.33
C PHE A 102 5.73 -2.03 6.56
N HIS A 103 4.77 -2.52 7.33
CA HIS A 103 3.56 -1.74 7.57
C HIS A 103 3.79 -0.61 8.55
N GLU A 104 4.81 -0.70 9.41
CA GLU A 104 5.04 0.28 10.45
C GLU A 104 6.53 0.57 10.52
N PRO A 105 6.91 1.71 11.08
CA PRO A 105 8.34 2.08 11.14
C PRO A 105 9.09 1.23 12.15
N VAL A 106 10.39 1.00 11.87
CA VAL A 106 11.25 0.29 12.81
C VAL A 106 11.43 1.15 14.06
N SER A 107 11.50 0.49 15.22
CA SER A 107 11.71 1.21 16.47
C SER A 107 13.04 1.95 16.46
N PRO A 108 13.09 3.18 16.95
CA PRO A 108 14.37 3.88 17.05
C PRO A 108 15.35 3.21 18.00
N LEU A 109 14.88 2.31 18.85
CA LEU A 109 15.73 1.59 19.80
C LEU A 109 16.53 0.44 19.16
N ALA A 110 16.27 0.13 17.90
CA ALA A 110 16.95 -0.98 17.21
C ALA A 110 18.21 -0.47 16.50
N ARG A 111 19.38 -0.73 17.10
CA ARG A 111 20.68 -0.58 16.43
C ARG A 111 20.85 0.77 15.73
N HIS A 112 20.41 1.85 16.38
CA HIS A 112 20.54 3.22 15.83
C HIS A 112 20.02 3.32 14.40
N TYR A 113 18.88 2.67 14.14
CA TYR A 113 18.25 2.66 12.82
C TYR A 113 18.22 4.03 12.17
N TYR A 114 17.82 5.07 12.93
CA TYR A 114 17.62 6.38 12.30
C TYR A 114 18.91 7.19 12.19
N GLN A 115 20.03 6.66 12.69
CA GLN A 115 21.35 7.12 12.28
C GLN A 115 21.74 6.53 10.93
N ILE A 116 21.46 5.24 10.75
CA ILE A 116 21.84 4.52 9.53
C ILE A 116 20.94 4.93 8.36
N ILE A 117 19.64 5.04 8.61
CA ILE A 117 18.64 5.28 7.58
C ILE A 117 18.26 6.76 7.63
N LYS A 118 18.77 7.55 6.66
CA LYS A 118 18.53 8.99 6.66
C LYS A 118 17.18 9.38 6.05
N ARG A 119 16.60 8.49 5.23
CA ARG A 119 15.36 8.75 4.52
C ARG A 119 14.41 7.58 4.78
N PRO A 120 13.85 7.49 5.98
CA PRO A 120 13.01 6.32 6.31
C PRO A 120 11.74 6.32 5.49
N MET A 121 11.23 5.11 5.26
CA MET A 121 10.00 4.95 4.49
C MET A 121 9.32 3.64 4.92
N ASP A 122 8.00 3.66 4.98
CA ASP A 122 7.23 2.44 5.25
C ASP A 122 5.88 2.57 4.54
N LEU A 123 5.13 1.47 4.51
CA LEU A 123 3.87 1.47 3.77
C LEU A 123 2.83 2.40 4.37
N SER A 124 2.93 2.72 5.67
CA SER A 124 1.93 3.64 6.21
C SER A 124 2.16 5.07 5.72
N ILE A 125 3.41 5.44 5.48
CA ILE A 125 3.72 6.74 4.88
C ILE A 125 3.25 6.77 3.43
N ILE A 126 3.52 5.70 2.67
CA ILE A 126 3.10 5.65 1.27
C ILE A 126 1.58 5.75 1.17
N ARG A 127 0.87 5.04 2.05
CA ARG A 127 -0.60 5.13 2.08
C ARG A 127 -1.05 6.57 2.32
N ARG A 128 -0.42 7.24 3.29
CA ARG A 128 -0.80 8.60 3.61
C ARG A 128 -0.56 9.54 2.44
N LYS A 129 0.55 9.36 1.73
CA LYS A 129 0.88 10.28 0.65
C LYS A 129 0.04 10.08 -0.59
N LEU A 130 -0.68 8.96 -0.68
CA LEU A 130 -1.68 8.80 -1.73
C LEU A 130 -2.92 9.64 -1.49
N GLN A 131 -3.02 10.28 -0.33
CA GLN A 131 -4.16 11.13 -0.01
C GLN A 131 -3.83 12.58 -0.35
N LYS A 132 -4.69 13.20 -1.17
CA LYS A 132 -4.40 14.54 -1.70
C LYS A 132 -4.30 15.58 -0.59
N LYS A 133 -5.00 15.37 0.53
CA LYS A 133 -4.95 16.30 1.66
C LYS A 133 -3.58 16.35 2.31
N ASP A 134 -2.77 15.31 2.16
CA ASP A 134 -1.46 15.31 2.81
C ASP A 134 -0.57 16.39 2.21
N PRO A 135 0.11 17.19 3.03
CA PRO A 135 0.98 18.25 2.48
C PRO A 135 2.02 17.73 1.50
N ALA A 136 2.46 16.48 1.65
CA ALA A 136 3.48 15.89 0.79
C ALA A 136 2.90 14.88 -0.20
N HIS A 137 1.64 15.06 -0.60
CA HIS A 137 0.98 14.06 -1.43
C HIS A 137 1.72 13.86 -2.76
N TYR A 138 1.63 12.65 -3.27
CA TYR A 138 2.25 12.32 -4.55
C TYR A 138 1.62 13.14 -5.68
N THR A 139 2.45 13.62 -6.59
CA THR A 139 1.96 14.21 -7.83
C THR A 139 2.25 13.38 -9.06
N THR A 140 3.14 12.39 -8.99
CA THR A 140 3.44 11.53 -10.12
C THR A 140 3.55 10.08 -9.64
N PRO A 141 3.26 9.13 -10.53
CA PRO A 141 3.49 7.72 -10.16
C PRO A 141 4.97 7.41 -9.93
N GLU A 142 5.87 8.13 -10.62
CA GLU A 142 7.29 7.94 -10.41
C GLU A 142 7.68 8.19 -8.95
N GLU A 143 7.01 9.13 -8.29
CA GLU A 143 7.31 9.41 -6.89
C GLU A 143 6.91 8.23 -6.01
N VAL A 144 5.79 7.59 -6.32
CA VAL A 144 5.33 6.40 -5.59
C VAL A 144 6.34 5.29 -5.74
N VAL A 145 6.74 5.01 -6.97
CA VAL A 145 7.71 3.95 -7.23
C VAL A 145 9.02 4.24 -6.52
N SER A 146 9.43 5.51 -6.51
CA SER A 146 10.67 5.87 -5.84
C SER A 146 10.58 5.60 -4.34
N ASP A 147 9.43 5.88 -3.73
CA ASP A 147 9.29 5.62 -2.30
C ASP A 147 9.31 4.13 -2.00
N VAL A 148 8.68 3.30 -2.85
CA VAL A 148 8.69 1.86 -2.63
C VAL A 148 10.12 1.33 -2.72
N ARG A 149 10.86 1.77 -3.75
CA ARG A 149 12.24 1.33 -3.89
C ARG A 149 13.11 1.80 -2.73
N LEU A 150 12.88 3.03 -2.27
CA LEU A 150 13.60 3.53 -1.10
C LEU A 150 13.37 2.65 0.11
N MET A 151 12.11 2.30 0.38
CA MET A 151 11.75 1.41 1.48
C MET A 151 12.56 0.12 1.45
N PHE A 152 12.68 -0.51 0.28
CA PHE A 152 13.37 -1.78 0.23
C PHE A 152 14.88 -1.62 0.24
N TRP A 153 15.39 -0.53 -0.35
CA TRP A 153 16.81 -0.20 -0.17
C TRP A 153 17.15 -0.01 1.31
N ASN A 154 16.30 0.68 2.06
CA ASN A 154 16.54 0.84 3.50
C ASN A 154 16.58 -0.51 4.21
N CYS A 155 15.66 -1.40 3.86
CA CYS A 155 15.63 -2.73 4.46
C CYS A 155 16.95 -3.47 4.22
N ALA A 156 17.46 -3.39 3.00
CA ALA A 156 18.69 -4.09 2.69
C ALA A 156 19.90 -3.44 3.35
N LYS A 157 19.88 -2.12 3.51
CA LYS A 157 20.99 -1.40 4.12
C LYS A 157 21.09 -1.70 5.61
N PHE A 158 19.96 -1.74 6.31
CA PHE A 158 19.96 -1.86 7.76
C PHE A 158 20.05 -3.30 8.22
N ASN A 159 19.29 -4.20 7.61
CA ASN A 159 19.11 -5.52 8.23
C ASN A 159 20.28 -6.44 7.95
N TYR A 160 20.50 -7.38 8.87
CA TYR A 160 21.50 -8.41 8.64
C TYR A 160 21.18 -9.14 7.33
N PRO A 161 22.15 -9.34 6.45
CA PRO A 161 21.85 -10.00 5.16
C PRO A 161 21.20 -11.36 5.29
N ASP A 162 21.56 -12.14 6.32
CA ASP A 162 21.01 -13.48 6.50
C ASP A 162 19.66 -13.48 7.19
N SER A 163 19.17 -12.34 7.66
CA SER A 163 17.96 -12.33 8.48
C SER A 163 16.72 -12.65 7.65
N GLU A 164 15.67 -13.12 8.35
CA GLU A 164 14.42 -13.41 7.65
C GLU A 164 13.79 -12.13 7.09
N VAL A 165 13.89 -11.01 7.81
CA VAL A 165 13.30 -9.78 7.31
C VAL A 165 14.06 -9.26 6.08
N ALA A 166 15.39 -9.41 6.05
CA ALA A 166 16.14 -9.02 4.86
C ALA A 166 15.71 -9.87 3.66
N GLU A 167 15.60 -11.19 3.85
CA GLU A 167 15.19 -12.07 2.77
C GLU A 167 13.78 -11.71 2.29
N ALA A 168 12.87 -11.41 3.23
CA ALA A 168 11.52 -11.01 2.83
C ALA A 168 11.57 -9.74 1.99
N GLY A 169 12.39 -8.77 2.40
CA GLY A 169 12.53 -7.55 1.62
C GLY A 169 13.05 -7.83 0.22
N ARG A 170 14.08 -8.69 0.11
CA ARG A 170 14.62 -9.00 -1.21
C ARG A 170 13.55 -9.61 -2.12
N CYS A 171 12.74 -10.52 -1.58
CA CYS A 171 11.70 -11.16 -2.39
C CYS A 171 10.60 -10.17 -2.75
N LEU A 172 10.14 -9.40 -1.76
CA LEU A 172 8.99 -8.54 -2.00
C LEU A 172 9.35 -7.41 -2.95
N GLU A 173 10.59 -6.88 -2.87
CA GLU A 173 10.94 -5.83 -3.81
C GLU A 173 10.92 -6.36 -5.25
N VAL A 174 11.23 -7.65 -5.43
CA VAL A 174 11.23 -8.21 -6.78
C VAL A 174 9.82 -8.54 -7.23
N PHE A 175 8.97 -9.05 -6.33
CA PHE A 175 7.55 -9.19 -6.67
C PHE A 175 6.97 -7.85 -7.11
N PHE A 176 7.29 -6.78 -6.38
CA PHE A 176 6.83 -5.44 -6.74
C PHE A 176 7.27 -5.05 -8.14
N GLU A 177 8.54 -5.29 -8.48
CA GLU A 177 9.01 -4.95 -9.82
C GLU A 177 8.17 -5.67 -10.87
N GLY A 178 7.80 -6.92 -10.61
CA GLY A 178 6.92 -7.64 -11.52
C GLY A 178 5.57 -6.97 -11.68
N TRP A 179 4.93 -6.62 -10.56
CA TRP A 179 3.64 -5.92 -10.62
C TRP A 179 3.76 -4.60 -11.34
N LEU A 180 4.87 -3.88 -11.10
CA LEU A 180 5.07 -2.59 -11.74
C LEU A 180 5.08 -2.72 -13.24
N LYS A 181 5.69 -3.78 -13.73
CA LYS A 181 5.75 -3.88 -15.18
C LYS A 181 4.43 -4.34 -15.78
N GLU A 182 3.61 -5.05 -15.02
CA GLU A 182 2.25 -5.33 -15.48
C GLU A 182 1.42 -4.05 -15.55
N ILE A 183 1.57 -3.18 -14.55
CA ILE A 183 0.66 -2.05 -14.38
C ILE A 183 1.14 -0.82 -15.15
N TYR A 184 2.46 -0.66 -15.31
CA TYR A 184 3.05 0.41 -16.10
C TYR A 184 4.00 -0.24 -17.11
N PRO A 185 3.45 -0.89 -18.15
CA PRO A 185 4.22 -1.63 -19.17
C PRO A 185 5.21 -0.74 -19.91
ZN ZN B . -7.06 -4.91 8.72
ZN ZN C . -11.27 -7.98 -4.86
#